data_6NO8
#
_entry.id   6NO8
#
_cell.length_a   96.452
_cell.length_b   96.452
_cell.length_c   80.655
_cell.angle_alpha   90.000
_cell.angle_beta   90.000
_cell.angle_gamma   120.000
#
_symmetry.space_group_name_H-M   'P 65'
#
loop_
_entity.id
_entity.type
_entity.pdbx_description
1 polymer 'Serine/threonine-protein kinase pim-1'
2 non-polymer 5-amino-N-{5-[(4S)-4-aminoazepan-1-yl]-1-methyl-1H-pyrazol-4-yl}-2-(2,6-difluorophenyl)-1,3-thiazole-4-carboxamide
3 non-polymer 'PHOSPHATE ION'
4 water water
#
_entity_poly.entity_id   1
_entity_poly.type   'polypeptide(L)'
_entity_poly.pdbx_seq_one_letter_code
;PLESQYQVGPLLGSGGFGSVYSGIRVSDNLPVAIKHVEKDRISDWGELPNGTRVPMEVVLLKKVSSGFSGVIRLLDWFER
PDSFVLILERPEPVQDLFDFITERGALQEELARSFFWQVLEAVRHCHNCGVLHRDIKDENILIDLNRGELKLIDFGSGAL
LKDTVYTDFDGTRVYSPPEWIRYHRYHGRSAAVWSLGILLYDMVCGDIPFEHDEEIIRGQVFFRQRVSSECQHLIRWCLA
LRPSDRPTFEEIQNHPWMQDVLLPQETAEIHLH
;
_entity_poly.pdbx_strand_id   A
#
loop_
_chem_comp.id
_chem_comp.type
_chem_comp.name
_chem_comp.formula
KUY non-polymer 5-amino-N-{5-[(4S)-4-aminoazepan-1-yl]-1-methyl-1H-pyrazol-4-yl}-2-(2,6-difluorophenyl)-1,3-thiazole-4-carboxamide 'C20 H23 F2 N7 O S'
PO4 non-polymer 'PHOSPHATE ION' 'O4 P -3'
#
# COMPACT_ATOMS: atom_id res chain seq x y z
N PRO A 1 -2.67 17.41 -24.75
CA PRO A 1 -1.63 18.25 -24.15
C PRO A 1 -1.84 18.46 -22.66
N LEU A 2 -1.18 17.63 -21.83
CA LEU A 2 -1.37 17.69 -20.39
C LEU A 2 -0.80 18.98 -19.79
N GLU A 3 0.22 19.56 -20.43
CA GLU A 3 0.85 20.76 -19.89
C GLU A 3 -0.13 21.91 -19.74
N SER A 4 -1.30 21.83 -20.37
CA SER A 4 -2.34 22.84 -20.24
C SER A 4 -3.53 22.37 -19.41
N GLN A 5 -3.91 21.09 -19.52
CA GLN A 5 -5.05 20.59 -18.77
C GLN A 5 -4.83 20.66 -17.28
N TYR A 6 -3.57 20.58 -16.83
CA TYR A 6 -3.25 20.58 -15.42
C TYR A 6 -2.22 21.65 -15.12
N GLN A 7 -2.23 22.13 -13.88
CA GLN A 7 -1.24 23.07 -13.37
C GLN A 7 -0.32 22.32 -12.42
N VAL A 8 0.96 22.22 -12.80
CA VAL A 8 1.91 21.44 -12.01
C VAL A 8 2.25 22.20 -10.74
N GLY A 9 2.26 21.49 -9.62
CA GLY A 9 2.63 22.08 -8.35
C GLY A 9 4.00 21.65 -7.91
N PRO A 10 4.21 21.57 -6.60
CA PRO A 10 5.51 21.18 -6.05
C PRO A 10 5.70 19.67 -6.11
N LEU A 11 6.84 19.22 -5.60
CA LEU A 11 7.22 17.81 -5.62
C LEU A 11 6.81 17.16 -4.30
N LEU A 12 6.02 16.08 -4.40
CA LEU A 12 5.49 15.40 -3.21
C LEU A 12 6.46 14.34 -2.68
N GLY A 13 7.11 13.61 -3.58
CA GLY A 13 8.01 12.55 -3.21
C GLY A 13 8.75 12.04 -4.43
N SER A 14 10.01 11.63 -4.26
CA SER A 14 10.85 11.27 -5.40
C SER A 14 11.70 10.06 -5.06
N GLY A 15 12.06 9.33 -6.11
CA GLY A 15 12.96 8.18 -6.02
C GLY A 15 13.49 7.84 -7.39
N GLY A 16 14.31 6.79 -7.43
CA GLY A 16 14.81 6.31 -8.71
C GLY A 16 13.72 5.77 -9.61
N PHE A 17 12.64 5.26 -9.02
CA PHE A 17 11.50 4.77 -9.81
C PHE A 17 10.93 5.88 -10.69
N GLY A 18 10.82 7.08 -10.16
CA GLY A 18 10.15 8.17 -10.85
C GLY A 18 9.86 9.30 -9.86
N SER A 19 9.02 10.22 -10.31
CA SER A 19 8.76 11.44 -9.55
C SER A 19 7.29 11.82 -9.67
N VAL A 20 6.68 12.17 -8.54
CA VAL A 20 5.27 12.54 -8.49
C VAL A 20 5.15 13.94 -7.91
N TYR A 21 4.40 14.80 -8.60
CA TYR A 21 4.20 16.20 -8.26
C TYR A 21 2.75 16.45 -7.88
N SER A 22 2.53 17.47 -7.07
CA SER A 22 1.18 17.94 -6.79
C SER A 22 0.63 18.68 -8.01
N GLY A 23 -0.69 18.59 -8.19
CA GLY A 23 -1.31 19.19 -9.36
C GLY A 23 -2.75 19.57 -9.12
N ILE A 24 -3.28 20.38 -10.03
CA ILE A 24 -4.65 20.85 -10.01
C ILE A 24 -5.20 20.74 -11.42
N ARG A 25 -6.33 20.06 -11.58
CA ARG A 25 -6.98 19.99 -12.88
C ARG A 25 -7.56 21.35 -13.22
N VAL A 26 -7.04 21.98 -14.28
CA VAL A 26 -7.42 23.35 -14.60
C VAL A 26 -8.92 23.48 -14.81
N SER A 27 -9.56 22.45 -15.36
CA SER A 27 -10.97 22.56 -15.72
C SER A 27 -11.85 22.81 -14.49
N ASP A 28 -11.80 21.90 -13.51
CA ASP A 28 -12.66 21.98 -12.35
C ASP A 28 -11.89 22.17 -11.05
N ASN A 29 -10.61 22.55 -11.12
CA ASN A 29 -9.77 22.75 -9.94
C ASN A 29 -9.72 21.49 -9.05
N LEU A 30 -9.88 20.33 -9.65
CA LEU A 30 -9.78 19.09 -8.90
C LEU A 30 -8.33 18.85 -8.51
N PRO A 31 -8.02 18.67 -7.23
CA PRO A 31 -6.64 18.36 -6.83
C PRO A 31 -6.23 16.98 -7.33
N VAL A 32 -5.06 16.90 -7.94
CA VAL A 32 -4.55 15.66 -8.52
C VAL A 32 -3.08 15.50 -8.14
N ALA A 33 -2.52 14.36 -8.55
CA ALA A 33 -1.10 14.10 -8.45
C ALA A 33 -0.60 13.66 -9.82
N ILE A 34 0.58 14.14 -10.20
CA ILE A 34 1.14 13.92 -11.53
C ILE A 34 2.42 13.10 -11.35
N LYS A 35 2.40 11.86 -11.82
CA LYS A 35 3.54 10.96 -11.70
C LYS A 35 4.21 10.78 -13.05
N HIS A 36 5.53 10.92 -13.05
CA HIS A 36 6.35 10.72 -14.24
C HIS A 36 7.23 9.51 -14.02
N VAL A 37 7.31 8.65 -15.04
CA VAL A 37 8.21 7.51 -15.01
C VAL A 37 8.86 7.38 -16.38
N GLU A 38 10.18 7.30 -16.41
CA GLU A 38 10.91 7.21 -17.67
C GLU A 38 10.82 5.79 -18.23
N LYS A 39 10.71 5.70 -19.55
CA LYS A 39 10.58 4.38 -20.18
C LYS A 39 11.81 3.53 -19.93
N ASP A 40 12.99 4.16 -19.78
CA ASP A 40 14.21 3.39 -19.56
C ASP A 40 14.16 2.63 -18.24
N ARG A 41 13.56 3.22 -17.21
CA ARG A 41 13.48 2.60 -15.90
C ARG A 41 12.30 1.65 -15.75
N ILE A 42 11.58 1.37 -16.83
CA ILE A 42 10.41 0.49 -16.79
C ILE A 42 10.86 -0.93 -17.04
N SER A 43 10.73 -1.79 -16.03
CA SER A 43 11.03 -3.21 -16.18
C SER A 43 9.79 -4.06 -16.45
N ASP A 44 8.64 -3.65 -15.91
CA ASP A 44 7.39 -4.39 -16.04
C ASP A 44 6.51 -3.71 -17.08
N TRP A 45 6.31 -4.37 -18.22
CA TRP A 45 5.42 -3.88 -19.26
C TRP A 45 4.17 -4.74 -19.32
N GLY A 46 3.07 -4.14 -19.77
CA GLY A 46 1.80 -4.84 -19.85
C GLY A 46 1.03 -4.45 -21.09
N GLU A 47 -0.09 -5.14 -21.28
CA GLU A 47 -0.97 -4.94 -22.43
C GLU A 47 -2.29 -4.35 -21.96
N LEU A 48 -2.76 -3.33 -22.67
CA LEU A 48 -4.06 -2.73 -22.41
C LEU A 48 -5.14 -3.50 -23.13
N PRO A 49 -6.40 -3.41 -22.65
CA PRO A 49 -7.49 -4.15 -23.31
C PRO A 49 -7.58 -3.87 -24.81
N ASN A 50 -7.09 -2.72 -25.25
CA ASN A 50 -7.07 -2.38 -26.67
C ASN A 50 -5.77 -2.80 -27.35
N GLY A 51 -4.89 -3.51 -26.64
CA GLY A 51 -3.64 -3.96 -27.23
C GLY A 51 -2.60 -2.86 -27.40
N THR A 52 -2.22 -2.23 -26.29
CA THR A 52 -1.24 -1.14 -26.31
C THR A 52 -0.12 -1.46 -25.34
N ARG A 53 1.12 -1.25 -25.78
CA ARG A 53 2.28 -1.43 -24.91
C ARG A 53 2.31 -0.31 -23.89
N VAL A 54 2.11 -0.66 -22.62
CA VAL A 54 1.96 0.33 -21.55
C VAL A 54 2.58 -0.23 -20.28
N PRO A 55 3.06 0.61 -19.36
CA PRO A 55 3.63 0.09 -18.12
C PRO A 55 2.62 -0.74 -17.35
N MET A 56 3.11 -1.81 -16.71
CA MET A 56 2.23 -2.67 -15.91
C MET A 56 1.48 -1.86 -14.85
N GLU A 57 2.11 -0.81 -14.32
CA GLU A 57 1.47 0.02 -13.31
C GLU A 57 0.16 0.61 -13.84
N VAL A 58 0.12 0.97 -15.12
CA VAL A 58 -1.10 1.49 -15.70
C VAL A 58 -2.16 0.40 -15.80
N VAL A 59 -1.77 -0.81 -16.24
CA VAL A 59 -2.70 -1.92 -16.30
C VAL A 59 -3.33 -2.15 -14.93
N LEU A 60 -2.49 -2.23 -13.89
CA LEU A 60 -3.00 -2.50 -12.55
C LEU A 60 -3.91 -1.37 -12.07
N LEU A 61 -3.50 -0.12 -12.26
CA LEU A 61 -4.34 1.01 -11.83
C LEU A 61 -5.71 0.96 -12.52
N LYS A 62 -5.72 0.72 -13.84
CA LYS A 62 -7.00 0.65 -14.55
C LYS A 62 -7.92 -0.38 -13.92
N LYS A 63 -7.39 -1.54 -13.54
CA LYS A 63 -8.22 -2.64 -13.06
C LYS A 63 -8.79 -2.40 -11.67
N VAL A 64 -8.26 -1.44 -10.91
CA VAL A 64 -8.71 -1.20 -9.56
C VAL A 64 -9.33 0.17 -9.37
N SER A 65 -9.37 1.00 -10.42
CA SER A 65 -9.78 2.40 -10.25
C SER A 65 -11.25 2.63 -10.51
N SER A 66 -12.14 1.74 -10.08
CA SER A 66 -13.59 1.90 -10.33
C SER A 66 -14.35 1.78 -9.02
N GLY A 67 -14.88 2.90 -8.54
CA GLY A 67 -15.90 2.91 -7.51
C GLY A 67 -15.43 2.95 -6.07
N PHE A 68 -14.42 2.14 -5.74
CA PHE A 68 -14.00 1.96 -4.37
C PHE A 68 -12.85 2.90 -4.04
N SER A 69 -13.02 3.68 -2.97
CA SER A 69 -12.07 4.73 -2.60
C SER A 69 -10.96 4.24 -1.67
N GLY A 70 -10.78 2.92 -1.56
CA GLY A 70 -9.71 2.38 -0.75
C GLY A 70 -8.34 2.44 -1.40
N VAL A 71 -8.29 2.66 -2.72
CA VAL A 71 -7.03 2.82 -3.43
C VAL A 71 -7.10 4.10 -4.26
N ILE A 72 -5.98 4.81 -4.36
CA ILE A 72 -5.92 6.02 -5.17
C ILE A 72 -6.20 5.64 -6.62
N ARG A 73 -7.07 6.40 -7.26
CA ARG A 73 -7.56 6.05 -8.60
C ARG A 73 -6.77 6.76 -9.69
N LEU A 74 -6.61 6.06 -10.82
CA LEU A 74 -5.94 6.61 -11.99
C LEU A 74 -6.95 7.42 -12.78
N LEU A 75 -6.76 8.74 -12.83
CA LEU A 75 -7.73 9.60 -13.52
C LEU A 75 -7.49 9.63 -15.01
N ASP A 76 -6.23 9.54 -15.45
CA ASP A 76 -5.88 9.62 -16.86
C ASP A 76 -4.39 9.30 -16.97
N TRP A 77 -3.91 9.22 -18.21
CA TRP A 77 -2.49 8.98 -18.44
C TRP A 77 -2.14 9.43 -19.85
N PHE A 78 -0.84 9.69 -20.06
CA PHE A 78 -0.33 10.12 -21.36
C PHE A 78 1.01 9.44 -21.60
N GLU A 79 1.35 9.27 -22.87
CA GLU A 79 2.66 8.79 -23.28
C GLU A 79 3.46 9.92 -23.91
N ARG A 80 4.65 10.15 -23.39
CA ARG A 80 5.60 11.11 -23.93
C ARG A 80 6.75 10.39 -24.62
N PRO A 81 7.58 11.09 -25.38
CA PRO A 81 8.66 10.42 -26.11
C PRO A 81 9.50 9.48 -25.23
N ASP A 82 9.91 9.93 -24.05
CA ASP A 82 10.79 9.13 -23.20
C ASP A 82 10.16 8.74 -21.87
N SER A 83 8.88 9.00 -21.67
CA SER A 83 8.26 8.76 -20.37
C SER A 83 6.76 8.61 -20.52
N PHE A 84 6.13 8.09 -19.46
CA PHE A 84 4.69 8.11 -19.29
C PHE A 84 4.34 9.07 -18.16
N VAL A 85 3.13 9.60 -18.20
CA VAL A 85 2.63 10.54 -17.19
C VAL A 85 1.30 10.05 -16.69
N LEU A 86 1.18 9.89 -15.37
CA LEU A 86 -0.04 9.38 -14.73
C LEU A 86 -0.68 10.50 -13.93
N ILE A 87 -1.98 10.74 -14.17
CA ILE A 87 -2.76 11.69 -13.39
C ILE A 87 -3.53 10.93 -12.34
N LEU A 88 -3.22 11.19 -11.07
CA LEU A 88 -3.77 10.44 -9.96
C LEU A 88 -4.60 11.32 -9.05
N GLU A 89 -5.56 10.69 -8.38
CA GLU A 89 -6.37 11.33 -7.35
C GLU A 89 -5.48 11.89 -6.25
N ARG A 90 -5.92 12.99 -5.62
CA ARG A 90 -5.19 13.50 -4.46
C ARG A 90 -6.14 14.07 -3.40
N PRO A 91 -6.26 13.42 -2.24
CA PRO A 91 -7.09 13.96 -1.18
C PRO A 91 -6.45 15.19 -0.54
N GLU A 92 -7.29 15.99 0.10
CA GLU A 92 -6.88 17.25 0.72
C GLU A 92 -7.77 17.51 1.92
N PRO A 93 -7.21 17.65 3.14
CA PRO A 93 -5.78 17.49 3.44
C PRO A 93 -5.39 16.02 3.54
N VAL A 94 -4.11 15.71 3.27
CA VAL A 94 -3.65 14.33 3.25
C VAL A 94 -2.28 14.24 3.92
N GLN A 95 -1.96 13.03 4.39
CA GLN A 95 -0.67 12.73 4.96
C GLN A 95 -0.48 11.21 4.92
N ASP A 96 0.74 10.77 4.62
CA ASP A 96 0.97 9.35 4.51
C ASP A 96 1.22 8.74 5.90
N LEU A 97 1.05 7.41 5.98
CA LEU A 97 1.10 6.75 7.28
C LEU A 97 2.46 6.89 7.93
N PHE A 98 3.54 6.85 7.14
CA PHE A 98 4.88 6.94 7.71
C PHE A 98 5.09 8.27 8.42
N ASP A 99 4.71 9.37 7.79
CA ASP A 99 4.83 10.66 8.46
C ASP A 99 3.88 10.76 9.64
N PHE A 100 2.71 10.12 9.56
CA PHE A 100 1.78 10.13 10.68
C PHE A 100 2.35 9.38 11.87
N ILE A 101 2.88 8.17 11.66
CA ILE A 101 3.51 7.42 12.75
C ILE A 101 4.67 8.22 13.34
N THR A 102 5.53 8.72 12.47
CA THR A 102 6.69 9.50 12.92
C THR A 102 6.26 10.70 13.75
N GLU A 103 5.13 11.30 13.40
CA GLU A 103 4.70 12.52 14.06
C GLU A 103 4.05 12.22 15.41
N ARG A 104 3.25 11.15 15.48
CA ARG A 104 2.45 10.85 16.65
C ARG A 104 3.01 9.70 17.49
N GLY A 105 4.04 9.01 17.01
CA GLY A 105 4.50 7.82 17.69
C GLY A 105 3.59 6.64 17.41
N ALA A 106 3.84 5.55 18.14
CA ALA A 106 2.98 4.38 18.04
C ALA A 106 1.52 4.75 18.23
N LEU A 107 0.65 4.20 17.38
CA LEU A 107 -0.76 4.53 17.43
C LEU A 107 -1.46 3.74 18.53
N GLN A 108 -2.49 4.35 19.12
CA GLN A 108 -3.40 3.64 20.00
C GLN A 108 -4.06 2.50 19.24
N GLU A 109 -4.39 1.43 19.96
CA GLU A 109 -4.91 0.25 19.30
C GLU A 109 -6.24 0.52 18.60
N GLU A 110 -7.13 1.28 19.25
CA GLU A 110 -8.39 1.66 18.59
C GLU A 110 -8.12 2.29 17.22
N LEU A 111 -7.18 3.23 17.16
CA LEU A 111 -6.85 3.86 15.88
C LEU A 111 -6.17 2.87 14.94
N ALA A 112 -5.21 2.10 15.44
CA ALA A 112 -4.57 1.09 14.61
C ALA A 112 -5.59 0.10 14.06
N ARG A 113 -6.59 -0.28 14.87
CA ARG A 113 -7.62 -1.21 14.40
C ARG A 113 -8.34 -0.65 13.18
N SER A 114 -8.74 0.62 13.24
CA SER A 114 -9.47 1.23 12.13
C SER A 114 -8.60 1.31 10.88
N PHE A 115 -7.35 1.77 11.04
CA PHE A 115 -6.44 1.88 9.91
C PHE A 115 -6.18 0.52 9.27
N PHE A 116 -5.71 -0.44 10.08
CA PHE A 116 -5.41 -1.78 9.55
C PHE A 116 -6.63 -2.39 8.88
N TRP A 117 -7.81 -2.24 9.47
CA TRP A 117 -9.02 -2.73 8.85
C TRP A 117 -9.24 -2.12 7.47
N GLN A 118 -9.01 -0.80 7.33
CA GLN A 118 -9.21 -0.18 6.04
C GLN A 118 -8.19 -0.67 5.01
N VAL A 119 -6.93 -0.89 5.42
CA VAL A 119 -6.01 -1.38 4.39
C VAL A 119 -6.37 -2.81 4.00
N LEU A 120 -6.86 -3.61 4.95
CA LEU A 120 -7.33 -4.95 4.59
C LEU A 120 -8.46 -4.88 3.56
N GLU A 121 -9.37 -3.92 3.70
CA GLU A 121 -10.42 -3.78 2.71
C GLU A 121 -9.85 -3.36 1.36
N ALA A 122 -8.85 -2.47 1.36
CA ALA A 122 -8.23 -2.04 0.11
C ALA A 122 -7.48 -3.17 -0.57
N VAL A 123 -6.64 -3.88 0.17
CA VAL A 123 -5.91 -5.01 -0.41
C VAL A 123 -6.88 -6.07 -0.90
N ARG A 124 -7.91 -6.35 -0.11
CA ARG A 124 -8.94 -7.30 -0.53
C ARG A 124 -9.63 -6.84 -1.82
N HIS A 125 -9.83 -5.52 -1.96
CA HIS A 125 -10.38 -4.99 -3.22
C HIS A 125 -9.43 -5.24 -4.38
N CYS A 126 -8.13 -5.01 -4.17
CA CYS A 126 -7.16 -5.28 -5.24
C CYS A 126 -7.23 -6.72 -5.71
N HIS A 127 -7.11 -7.67 -4.77
CA HIS A 127 -7.13 -9.07 -5.14
C HIS A 127 -8.41 -9.43 -5.90
N ASN A 128 -9.56 -8.92 -5.44
CA ASN A 128 -10.81 -9.13 -6.18
C ASN A 128 -10.71 -8.67 -7.62
N CYS A 129 -9.89 -7.66 -7.90
CA CYS A 129 -9.70 -7.15 -9.24
C CYS A 129 -8.48 -7.76 -9.93
N GLY A 130 -7.92 -8.82 -9.37
CA GLY A 130 -6.79 -9.51 -9.98
C GLY A 130 -5.48 -8.75 -9.93
N VAL A 131 -5.23 -7.96 -8.89
CA VAL A 131 -4.05 -7.11 -8.79
C VAL A 131 -3.34 -7.38 -7.45
N LEU A 132 -2.03 -7.60 -7.52
CA LEU A 132 -1.17 -7.75 -6.34
C LEU A 132 -0.34 -6.49 -6.17
N HIS A 133 -0.37 -5.90 -4.97
CA HIS A 133 0.35 -4.65 -4.75
C HIS A 133 1.85 -4.88 -4.57
N ARG A 134 2.24 -5.81 -3.71
CA ARG A 134 3.62 -6.26 -3.47
C ARG A 134 4.51 -5.23 -2.76
N ASP A 135 3.99 -4.10 -2.30
CA ASP A 135 4.80 -3.14 -1.55
C ASP A 135 3.92 -2.44 -0.50
N ILE A 136 3.15 -3.23 0.24
CA ILE A 136 2.30 -2.71 1.28
C ILE A 136 3.17 -2.24 2.44
N LYS A 137 3.04 -0.97 2.83
CA LYS A 137 3.79 -0.40 3.93
C LYS A 137 3.29 1.01 4.18
N ASP A 138 3.73 1.58 5.31
CA ASP A 138 3.17 2.86 5.75
C ASP A 138 3.41 3.97 4.72
N GLU A 139 4.55 3.98 4.04
CA GLU A 139 4.82 5.02 3.06
C GLU A 139 3.83 4.98 1.90
N ASN A 140 3.26 3.80 1.64
CA ASN A 140 2.35 3.62 0.47
C ASN A 140 0.89 3.75 0.90
N ILE A 141 0.65 4.20 2.12
CA ILE A 141 -0.75 4.38 2.61
C ILE A 141 -0.99 5.87 2.86
N LEU A 142 -2.09 6.40 2.31
CA LEU A 142 -2.44 7.83 2.45
C LEU A 142 -3.64 7.99 3.39
N ILE A 143 -3.59 8.99 4.26
CA ILE A 143 -4.66 9.26 5.20
C ILE A 143 -5.38 10.53 4.78
N ASP A 144 -6.67 10.43 4.53
CA ASP A 144 -7.54 11.58 4.33
C ASP A 144 -7.90 12.11 5.72
N LEU A 145 -7.23 13.18 6.14
CA LEU A 145 -7.34 13.64 7.53
C LEU A 145 -8.74 14.13 7.88
N ASN A 146 -9.54 14.55 6.91
CA ASN A 146 -10.89 15.01 7.22
C ASN A 146 -11.88 13.86 7.33
N ARG A 147 -11.79 12.89 6.42
CA ARG A 147 -12.74 11.79 6.40
C ARG A 147 -12.25 10.56 7.15
N GLY A 148 -10.97 10.49 7.49
CA GLY A 148 -10.44 9.33 8.19
C GLY A 148 -10.29 8.10 7.34
N GLU A 149 -10.22 8.27 6.02
CA GLU A 149 -10.15 7.15 5.08
C GLU A 149 -8.71 6.97 4.59
N LEU A 150 -8.29 5.71 4.49
CA LEU A 150 -6.96 5.37 4.01
C LEU A 150 -7.02 4.92 2.55
N LYS A 151 -5.95 5.24 1.81
CA LYS A 151 -5.88 4.93 0.38
C LYS A 151 -4.51 4.39 0.03
N LEU A 152 -4.48 3.38 -0.84
CA LEU A 152 -3.24 2.76 -1.30
C LEU A 152 -2.65 3.51 -2.47
N ILE A 153 -1.32 3.62 -2.48
CA ILE A 153 -0.57 4.33 -3.56
C ILE A 153 0.65 3.51 -3.95
N ASP A 154 1.21 3.79 -5.14
CA ASP A 154 2.46 3.17 -5.66
C ASP A 154 2.27 1.70 -6.06
N PHE A 155 1.73 1.47 -7.25
CA PHE A 155 1.54 0.10 -7.78
C PHE A 155 2.72 -0.24 -8.70
N GLY A 156 3.76 0.60 -8.71
CA GLY A 156 4.90 0.40 -9.58
C GLY A 156 5.64 -0.92 -9.38
N SER A 157 5.42 -1.57 -8.24
CA SER A 157 6.00 -2.88 -7.97
C SER A 157 4.98 -4.01 -8.05
N GLY A 158 3.74 -3.71 -8.41
CA GLY A 158 2.69 -4.70 -8.42
C GLY A 158 2.79 -5.66 -9.60
N ALA A 159 1.81 -6.55 -9.66
CA ALA A 159 1.71 -7.53 -10.74
C ALA A 159 0.28 -8.07 -10.78
N LEU A 160 -0.02 -8.82 -11.83
CA LEU A 160 -1.29 -9.51 -11.89
C LEU A 160 -1.34 -10.58 -10.82
N LEU A 161 -2.50 -10.71 -10.17
CA LEU A 161 -2.66 -11.76 -9.17
C LEU A 161 -2.70 -13.13 -9.85
N LYS A 162 -1.88 -14.05 -9.37
CA LYS A 162 -1.90 -15.43 -9.83
C LYS A 162 -1.77 -16.35 -8.62
N ASP A 163 -2.13 -17.61 -8.84
CA ASP A 163 -2.09 -18.62 -7.79
C ASP A 163 -0.83 -19.47 -7.80
N THR A 164 0.05 -19.27 -8.79
CA THR A 164 1.33 -19.96 -8.85
C THR A 164 2.41 -19.09 -8.20
N VAL A 165 3.66 -19.57 -8.23
CA VAL A 165 4.75 -18.95 -7.50
C VAL A 165 5.24 -17.72 -8.24
N TYR A 166 5.62 -16.70 -7.46
CA TYR A 166 6.35 -15.54 -7.97
C TYR A 166 7.84 -15.78 -7.74
N THR A 167 8.65 -15.50 -8.77
CA THR A 167 10.08 -15.65 -8.70
C THR A 167 10.81 -14.32 -8.78
N ASP A 168 10.07 -13.21 -8.70
CA ASP A 168 10.64 -11.87 -8.73
C ASP A 168 9.98 -11.04 -7.65
N PHE A 169 10.71 -10.05 -7.15
CA PHE A 169 10.22 -9.17 -6.11
C PHE A 169 11.03 -7.89 -6.15
N ASP A 170 10.35 -6.75 -6.20
CA ASP A 170 11.01 -5.46 -6.26
C ASP A 170 10.51 -4.51 -5.19
N GLY A 171 9.74 -5.02 -4.22
CA GLY A 171 9.26 -4.20 -3.13
C GLY A 171 10.32 -3.97 -2.08
N THR A 172 9.86 -3.56 -0.90
CA THR A 172 10.77 -3.25 0.20
C THR A 172 11.24 -4.54 0.87
N ARG A 173 12.56 -4.70 1.00
CA ARG A 173 13.09 -5.98 1.48
C ARG A 173 12.66 -6.25 2.91
N VAL A 174 12.81 -5.27 3.81
CA VAL A 174 12.48 -5.49 5.22
C VAL A 174 11.02 -5.81 5.41
N TYR A 175 10.21 -5.72 4.35
CA TYR A 175 8.80 -6.09 4.36
C TYR A 175 8.52 -7.40 3.64
N SER A 176 9.59 -8.08 3.12
CA SER A 176 9.46 -9.30 2.33
C SER A 176 9.53 -10.54 3.23
N PRO A 177 8.77 -11.57 2.87
CA PRO A 177 8.61 -12.73 3.73
C PRO A 177 9.87 -13.58 3.75
N PRO A 178 10.00 -14.47 4.73
CA PRO A 178 11.22 -15.30 4.82
C PRO A 178 11.40 -16.25 3.65
N GLU A 179 10.32 -16.66 2.97
CA GLU A 179 10.48 -17.54 1.82
C GLU A 179 11.09 -16.81 0.63
N TRP A 180 10.93 -15.48 0.55
CA TRP A 180 11.62 -14.74 -0.50
C TRP A 180 13.11 -14.61 -0.19
N ILE A 181 13.44 -14.35 1.08
CA ILE A 181 14.83 -14.23 1.50
C ILE A 181 15.57 -15.53 1.22
N ARG A 182 14.95 -16.66 1.57
CA ARG A 182 15.62 -17.96 1.52
C ARG A 182 15.57 -18.60 0.13
N TYR A 183 14.37 -18.65 -0.47
CA TYR A 183 14.18 -19.43 -1.69
C TYR A 183 13.89 -18.60 -2.94
N HIS A 184 13.78 -17.28 -2.81
CA HIS A 184 13.38 -16.42 -3.94
C HIS A 184 12.07 -16.91 -4.56
N ARG A 185 11.21 -17.52 -3.75
CA ARG A 185 9.89 -17.99 -4.17
C ARG A 185 8.87 -17.56 -3.12
N TYR A 186 7.70 -17.13 -3.59
CA TYR A 186 6.62 -16.79 -2.68
C TYR A 186 5.31 -16.78 -3.46
N HIS A 187 4.20 -16.88 -2.72
CA HIS A 187 2.87 -16.77 -3.28
C HIS A 187 2.23 -15.47 -2.83
N GLY A 188 1.50 -14.83 -3.75
CA GLY A 188 1.00 -13.48 -3.54
C GLY A 188 0.25 -13.25 -2.24
N ARG A 189 -0.82 -14.02 -2.02
CA ARG A 189 -1.67 -13.76 -0.86
C ARG A 189 -0.91 -13.98 0.44
N SER A 190 -0.14 -15.08 0.54
CA SER A 190 0.56 -15.33 1.79
C SER A 190 1.70 -14.33 1.99
N ALA A 191 2.35 -13.90 0.91
CA ALA A 191 3.34 -12.83 1.04
C ALA A 191 2.69 -11.53 1.51
N ALA A 192 1.51 -11.20 0.96
CA ALA A 192 0.83 -9.98 1.38
C ALA A 192 0.52 -10.02 2.88
N VAL A 193 -0.01 -11.14 3.37
CA VAL A 193 -0.30 -11.25 4.79
C VAL A 193 0.95 -11.01 5.62
N TRP A 194 2.11 -11.45 5.14
CA TRP A 194 3.35 -11.19 5.89
C TRP A 194 3.59 -9.69 6.00
N SER A 195 3.65 -8.98 4.87
CA SER A 195 3.83 -7.54 4.92
C SER A 195 2.76 -6.89 5.79
N LEU A 196 1.55 -7.46 5.80
CA LEU A 196 0.49 -6.91 6.63
C LEU A 196 0.86 -6.99 8.11
N GLY A 197 1.44 -8.12 8.54
CA GLY A 197 1.90 -8.23 9.91
C GLY A 197 3.00 -7.24 10.25
N ILE A 198 3.93 -7.01 9.31
CA ILE A 198 4.91 -5.95 9.52
C ILE A 198 4.22 -4.61 9.69
N LEU A 199 3.28 -4.30 8.79
CA LEU A 199 2.56 -3.04 8.90
C LEU A 199 1.90 -2.88 10.27
N LEU A 200 1.22 -3.92 10.75
CA LEU A 200 0.52 -3.83 12.02
C LEU A 200 1.50 -3.57 13.17
N TYR A 201 2.58 -4.35 13.22
CA TYR A 201 3.59 -4.12 14.25
C TYR A 201 4.11 -2.68 14.17
N ASP A 202 4.38 -2.19 12.96
CA ASP A 202 4.84 -0.82 12.80
C ASP A 202 3.80 0.17 13.31
N MET A 203 2.51 -0.15 13.18
CA MET A 203 1.47 0.77 13.63
C MET A 203 1.49 0.92 15.14
N VAL A 204 1.55 -0.20 15.87
CA VAL A 204 1.40 -0.17 17.33
C VAL A 204 2.74 -0.10 18.06
N CYS A 205 3.86 -0.31 17.37
CA CYS A 205 5.17 -0.18 17.99
C CYS A 205 5.95 1.04 17.52
N GLY A 206 5.46 1.74 16.50
CA GLY A 206 6.16 2.90 15.98
C GLY A 206 7.40 2.59 15.19
N ASP A 207 7.70 1.30 14.96
CA ASP A 207 8.91 0.90 14.19
C ASP A 207 8.71 -0.49 13.59
N ILE A 208 9.49 -0.83 12.55
CA ILE A 208 9.41 -2.19 11.93
C ILE A 208 10.08 -3.21 12.83
N PRO A 209 9.57 -4.45 12.92
CA PRO A 209 10.16 -5.50 13.76
C PRO A 209 11.55 -6.02 13.36
N PHE A 210 11.82 -6.15 12.06
CA PHE A 210 13.08 -6.75 11.61
C PHE A 210 13.84 -5.77 10.73
N GLU A 211 15.18 -5.79 10.82
CA GLU A 211 16.03 -5.02 9.92
C GLU A 211 16.91 -5.87 9.03
N HIS A 212 17.51 -6.93 9.56
CA HIS A 212 18.43 -7.78 8.79
C HIS A 212 17.72 -9.05 8.31
N ASP A 213 18.32 -9.68 7.31
CA ASP A 213 17.75 -10.92 6.78
C ASP A 213 17.67 -12.00 7.85
N GLU A 214 18.72 -12.12 8.67
CA GLU A 214 18.72 -13.14 9.71
C GLU A 214 17.58 -12.95 10.70
N GLU A 215 17.18 -11.70 10.95
CA GLU A 215 16.03 -11.46 11.81
C GLU A 215 14.73 -11.89 11.14
N ILE A 216 14.62 -11.67 9.83
CA ILE A 216 13.43 -12.11 9.10
C ILE A 216 13.35 -13.62 9.06
N ILE A 217 14.50 -14.27 8.83
CA ILE A 217 14.53 -15.73 8.79
C ILE A 217 14.16 -16.32 10.15
N ARG A 218 14.66 -15.71 11.23
CA ARG A 218 14.35 -16.22 12.57
C ARG A 218 12.88 -16.00 12.91
N GLY A 219 12.32 -14.86 12.53
CA GLY A 219 10.92 -14.60 12.77
C GLY A 219 10.50 -14.48 14.21
N GLN A 220 11.40 -14.09 15.11
CA GLN A 220 11.04 -13.87 16.51
C GLN A 220 10.66 -12.40 16.70
N VAL A 221 9.48 -12.16 17.26
CA VAL A 221 8.91 -10.82 17.40
C VAL A 221 9.02 -10.39 18.85
N PHE A 222 9.83 -9.36 19.10
CA PHE A 222 9.89 -8.71 20.40
C PHE A 222 9.17 -7.36 20.34
N PHE A 223 8.38 -7.07 21.37
CA PHE A 223 7.57 -5.85 21.41
C PHE A 223 8.24 -4.80 22.28
N ARG A 224 8.49 -3.63 21.70
CA ARG A 224 9.12 -2.51 22.37
C ARG A 224 8.12 -1.59 23.06
N GLN A 225 6.82 -1.84 22.87
CA GLN A 225 5.74 -1.03 23.42
C GLN A 225 4.69 -1.95 24.04
N ARG A 226 3.91 -1.38 24.96
CA ARG A 226 2.74 -2.09 25.48
C ARG A 226 1.76 -2.36 24.35
N VAL A 227 1.51 -3.65 24.08
CA VAL A 227 0.58 -4.07 23.05
C VAL A 227 -0.28 -5.19 23.64
N SER A 228 -1.59 -5.12 23.42
CA SER A 228 -2.52 -6.06 24.01
C SER A 228 -2.19 -7.48 23.56
N SER A 229 -2.66 -8.45 24.34
CA SER A 229 -2.39 -9.86 24.02
C SER A 229 -3.07 -10.25 22.72
N GLU A 230 -4.26 -9.72 22.46
CA GLU A 230 -4.96 -10.00 21.21
C GLU A 230 -4.13 -9.54 20.02
N CYS A 231 -3.66 -8.30 20.05
CA CYS A 231 -2.90 -7.75 18.94
C CYS A 231 -1.60 -8.50 18.71
N GLN A 232 -0.88 -8.82 19.80
CA GLN A 232 0.36 -9.59 19.67
C GLN A 232 0.10 -10.92 18.97
N HIS A 233 -1.02 -11.58 19.30
CA HIS A 233 -1.35 -12.84 18.66
C HIS A 233 -1.58 -12.67 17.17
N LEU A 234 -2.40 -11.68 16.79
CA LEU A 234 -2.65 -11.43 15.37
C LEU A 234 -1.34 -11.17 14.63
N ILE A 235 -0.46 -10.35 15.22
CA ILE A 235 0.80 -10.01 14.56
C ILE A 235 1.65 -11.27 14.38
N ARG A 236 1.84 -12.03 15.46
CA ARG A 236 2.66 -13.23 15.34
C ARG A 236 2.03 -14.25 14.40
N TRP A 237 0.70 -14.27 14.31
CA TRP A 237 0.04 -15.15 13.36
C TRP A 237 0.34 -14.74 11.92
N CYS A 238 0.19 -13.44 11.61
CA CYS A 238 0.56 -12.95 10.28
C CYS A 238 2.01 -13.24 9.95
N LEU A 239 2.89 -13.16 10.95
CA LEU A 239 4.32 -13.31 10.75
C LEU A 239 4.79 -14.75 10.93
N ALA A 240 3.90 -15.73 10.77
CA ALA A 240 4.29 -17.12 10.83
C ALA A 240 5.32 -17.43 9.76
N LEU A 241 6.39 -18.13 10.15
CA LEU A 241 7.45 -18.46 9.20
C LEU A 241 6.91 -19.27 8.04
N ARG A 242 6.09 -20.28 8.32
CA ARG A 242 5.52 -21.10 7.25
C ARG A 242 4.38 -20.34 6.60
N PRO A 243 4.43 -20.10 5.28
CA PRO A 243 3.33 -19.37 4.63
C PRO A 243 1.97 -20.00 4.87
N SER A 244 1.88 -21.33 4.80
CA SER A 244 0.61 -22.00 5.03
C SER A 244 0.11 -21.87 6.46
N ASP A 245 0.99 -21.48 7.40
CA ASP A 245 0.55 -21.21 8.77
C ASP A 245 -0.01 -19.80 8.93
N ARG A 246 0.08 -18.96 7.92
CA ARG A 246 -0.42 -17.60 8.09
C ARG A 246 -1.94 -17.57 7.89
N PRO A 247 -2.61 -16.59 8.48
CA PRO A 247 -4.07 -16.51 8.34
C PRO A 247 -4.45 -15.98 6.97
N THR A 248 -5.66 -16.36 6.54
CA THR A 248 -6.30 -15.76 5.38
C THR A 248 -6.83 -14.38 5.75
N PHE A 249 -7.28 -13.64 4.73
CA PHE A 249 -7.86 -12.33 5.01
C PHE A 249 -9.14 -12.47 5.84
N GLU A 250 -9.95 -13.50 5.55
CA GLU A 250 -11.14 -13.72 6.35
C GLU A 250 -10.78 -14.01 7.80
N GLU A 251 -9.71 -14.77 8.03
CA GLU A 251 -9.30 -15.07 9.39
C GLU A 251 -8.76 -13.83 10.12
N ILE A 252 -8.08 -12.93 9.40
CA ILE A 252 -7.59 -11.71 10.03
C ILE A 252 -8.77 -10.85 10.48
N GLN A 253 -9.76 -10.68 9.60
CA GLN A 253 -10.88 -9.81 9.94
C GLN A 253 -11.87 -10.47 10.89
N ASN A 254 -11.80 -11.78 11.06
CA ASN A 254 -12.56 -12.46 12.11
C ASN A 254 -11.77 -12.61 13.40
N HIS A 255 -10.53 -12.12 13.44
CA HIS A 255 -9.74 -12.23 14.66
C HIS A 255 -10.35 -11.37 15.77
N PRO A 256 -10.26 -11.83 17.02
CA PRO A 256 -10.87 -11.06 18.13
C PRO A 256 -10.37 -9.62 18.22
N TRP A 257 -9.09 -9.37 17.91
CA TRP A 257 -8.59 -7.99 17.98
C TRP A 257 -9.25 -7.10 16.93
N MET A 258 -9.82 -7.69 15.89
CA MET A 258 -10.36 -6.99 14.73
C MET A 258 -11.83 -6.64 14.89
N GLN A 259 -12.39 -6.77 16.08
CA GLN A 259 -13.83 -6.61 16.30
C GLN A 259 -14.19 -5.19 16.67
N ASP A 260 -15.42 -4.79 16.31
CA ASP A 260 -15.96 -3.47 16.65
C ASP A 260 -15.08 -2.35 16.11
N VAL A 261 -14.68 -2.47 14.84
CA VAL A 261 -13.88 -1.43 14.22
C VAL A 261 -14.70 -0.15 14.13
N LEU A 262 -14.02 0.98 14.33
CA LEU A 262 -14.66 2.27 14.17
C LEU A 262 -14.89 2.58 12.69
N LEU A 263 -15.97 3.30 12.42
CA LEU A 263 -16.18 3.84 11.09
C LEU A 263 -15.13 4.92 10.79
N PRO A 264 -14.75 5.07 9.52
CA PRO A 264 -13.72 6.08 9.19
C PRO A 264 -14.04 7.46 9.73
N GLN A 265 -15.29 7.92 9.58
CA GLN A 265 -15.66 9.23 10.11
C GLN A 265 -15.53 9.27 11.62
N GLU A 266 -16.01 8.23 12.30
CA GLU A 266 -15.78 8.13 13.75
C GLU A 266 -14.30 8.17 14.09
N THR A 267 -13.47 7.48 13.29
CA THR A 267 -12.04 7.46 13.54
C THR A 267 -11.46 8.86 13.50
N ALA A 268 -11.84 9.66 12.49
CA ALA A 268 -11.27 10.99 12.35
C ALA A 268 -11.77 11.91 13.45
N GLU A 269 -13.05 11.80 13.81
CA GLU A 269 -13.60 12.65 14.87
C GLU A 269 -12.87 12.43 16.19
N ILE A 270 -12.54 11.18 16.49
CA ILE A 270 -11.92 10.87 17.79
C ILE A 270 -10.42 11.13 17.77
N HIS A 271 -9.74 10.74 16.68
CA HIS A 271 -8.29 10.70 16.63
C HIS A 271 -7.65 11.72 15.71
N LEU A 272 -8.37 12.21 14.71
CA LEU A 272 -7.76 13.11 13.73
C LEU A 272 -8.17 14.57 13.91
N HIS A 273 -9.40 14.84 14.31
CA HIS A 273 -9.89 16.22 14.42
C HIS A 273 -9.36 16.92 15.67
N2 KUY B . 4.68 6.55 -5.84
C10 KUY B . 0.18 10.08 -4.36
C4 KUY B . 2.93 7.78 -5.41
C1 KUY B . 5.98 5.88 -5.73
C11 KUY B . -1.04 10.63 -4.68
C13 KUY B . 0.21 11.64 -2.74
C15 KUY B . 0.74 12.38 -1.58
C16 KUY B . 1.82 11.89 -0.82
C17 KUY B . 2.31 12.63 0.24
C18 KUY B . 1.75 13.84 0.58
C19 KUY B . 0.69 14.34 -0.16
C20 KUY B . 0.19 13.61 -1.23
C25 KUY B . 5.07 6.76 -2.87
C26 KUY B . 5.71 7.27 -1.58
C27 KUY B . 5.08 8.60 -1.11
C29 KUY B . 5.81 9.82 -1.61
C3 KUY B . 4.15 7.41 -4.95
C31 KUY B . 5.50 10.02 -3.11
C32 KUY B . 5.80 8.82 -3.88
C5 KUY B . 2.73 7.14 -6.64
C8 KUY B . 0.81 8.99 -5.11
F21 KUY B . -0.84 14.11 -1.93
F22 KUY B . 2.38 10.71 -1.13
N14 KUY B . 0.82 10.66 -3.34
N23 KUY B . -1.89 10.24 -5.69
N24 KUY B . 4.70 7.85 -3.73
N34 KUY B . 5.10 8.61 0.37
N6 KUY B . 3.77 6.40 -6.89
N7 KUY B . 2.09 8.72 -4.77
O9 KUY B . 0.23 8.41 -6.01
S12 KUY B . -1.34 11.94 -3.54
H28 KUY B . 4.05 8.64 -1.46
P PO4 C . -2.78 -8.66 29.89
O1 PO4 C . -3.65 -8.04 28.83
O2 PO4 C . -2.06 -9.86 29.32
O3 PO4 C . -3.63 -9.10 31.06
O4 PO4 C . -1.76 -7.64 30.37
#